data_3SNK
#
_entry.id   3SNK
#
_cell.length_a   64.859
_cell.length_b   64.859
_cell.length_c   69.982
_cell.angle_alpha   90.000
_cell.angle_beta   90.000
_cell.angle_gamma   120.000
#
_symmetry.space_group_name_H-M   'P 32 2 1'
#
loop_
_entity.id
_entity.type
_entity.pdbx_description
1 polymer 'Response regulator CheY-like protein'
2 non-polymer 'SULFATE ION'
3 water water
#
_entity_poly.entity_id   1
_entity_poly.type   'polypeptide(L)'
_entity_poly.pdbx_seq_one_letter_code
;G(MSE)NAINTKVTPTKRKQVALFSSDPNFKRDVATRLDALAIYDVRVSETDDFLKGPPADTRPGIVILDLGGGDLLGKP
GIVEARALWATVPLIAVSDELTSEQTRVLVR(MSE)NASDWLHKPLDGKELLNAVTFHDTGNQ
;
_entity_poly.pdbx_strand_id   A
#
loop_
_chem_comp.id
_chem_comp.type
_chem_comp.name
_chem_comp.formula
SO4 non-polymer 'SULFATE ION' 'O4 S -2'
#
# COMPACT_ATOMS: atom_id res chain seq x y z
N LYS A 13 -18.08 -2.68 9.72
CA LYS A 13 -17.47 -2.97 11.01
C LYS A 13 -15.95 -3.13 10.84
N ARG A 14 -15.49 -4.12 10.03
CA ARG A 14 -14.07 -4.35 9.74
C ARG A 14 -13.50 -3.22 8.86
N LYS A 15 -12.26 -2.81 9.14
CA LYS A 15 -11.58 -1.77 8.38
C LYS A 15 -11.05 -2.32 7.08
N GLN A 16 -11.57 -1.80 5.96
CA GLN A 16 -11.15 -2.20 4.63
C GLN A 16 -9.69 -1.83 4.37
N VAL A 17 -8.96 -2.78 3.81
CA VAL A 17 -7.55 -2.68 3.47
C VAL A 17 -7.42 -3.06 1.99
N ALA A 18 -6.91 -2.13 1.18
CA ALA A 18 -6.64 -2.42 -0.24
C ALA A 18 -5.14 -2.67 -0.35
N LEU A 19 -4.76 -3.87 -0.79
CA LEU A 19 -3.37 -4.29 -0.96
C LEU A 19 -3.07 -4.43 -2.46
N PHE A 20 -1.97 -3.80 -2.91
CA PHE A 20 -1.52 -3.80 -4.32
C PHE A 20 -0.10 -4.28 -4.36
N SER A 21 0.15 -5.38 -5.11
CA SER A 21 1.47 -6.02 -5.21
C SER A 21 1.57 -6.96 -6.39
N SER A 22 2.76 -7.06 -7.00
CA SER A 22 3.00 -8.04 -8.08
C SER A 22 3.85 -9.22 -7.54
N ASP A 23 4.09 -9.24 -6.20
CA ASP A 23 4.87 -10.27 -5.52
C ASP A 23 3.91 -11.27 -4.83
N PRO A 24 3.81 -12.52 -5.34
CA PRO A 24 2.87 -13.49 -4.74
C PRO A 24 3.16 -13.86 -3.28
N ASN A 25 4.45 -13.84 -2.87
CA ASN A 25 4.83 -14.20 -1.50
C ASN A 25 4.35 -13.14 -0.53
N PHE A 26 4.56 -11.87 -0.89
CA PHE A 26 4.16 -10.70 -0.14
C PHE A 26 2.63 -10.63 0.02
N LYS A 27 1.88 -10.86 -1.08
CA LYS A 27 0.40 -10.83 -1.12
C LYS A 27 -0.18 -11.82 -0.06
N ARG A 28 0.24 -13.07 -0.15
CA ARG A 28 -0.19 -14.15 0.75
C ARG A 28 0.15 -13.81 2.21
N ASP A 29 1.40 -13.39 2.47
CA ASP A 29 1.86 -13.15 3.84
C ASP A 29 1.19 -11.95 4.49
N VAL A 30 1.03 -10.85 3.77
CA VAL A 30 0.38 -9.66 4.33
C VAL A 30 -1.12 -9.92 4.54
N ALA A 31 -1.82 -10.54 3.54
CA ALA A 31 -3.25 -10.80 3.72
C ALA A 31 -3.50 -11.74 4.90
N THR A 32 -2.66 -12.79 5.05
CA THR A 32 -2.76 -13.73 6.15
C THR A 32 -2.57 -13.01 7.49
N ARG A 33 -1.50 -12.20 7.61
CA ARG A 33 -1.19 -11.46 8.85
C ARG A 33 -2.34 -10.57 9.30
N LEU A 34 -2.89 -9.81 8.38
CA LEU A 34 -3.93 -8.83 8.68
C LEU A 34 -5.27 -9.49 8.92
N ASP A 35 -5.58 -10.57 8.17
CA ASP A 35 -6.82 -11.33 8.33
C ASP A 35 -6.80 -12.11 9.66
N ALA A 36 -5.61 -12.53 10.18
CA ALA A 36 -5.49 -13.21 11.47
C ALA A 36 -5.85 -12.26 12.63
N LEU A 37 -5.70 -10.93 12.41
CA LEU A 37 -6.06 -9.90 13.39
C LEU A 37 -7.58 -9.68 13.44
N ALA A 38 -8.34 -10.27 12.48
CA ALA A 38 -9.81 -10.32 12.35
C ALA A 38 -10.52 -8.95 12.19
N ILE A 39 -9.88 -7.84 12.57
CA ILE A 39 -10.52 -6.50 12.49
C ILE A 39 -10.30 -5.83 11.10
N TYR A 40 -9.83 -6.58 10.09
CA TYR A 40 -9.57 -6.01 8.77
C TYR A 40 -10.23 -6.80 7.62
N ASP A 41 -10.88 -6.07 6.71
CA ASP A 41 -11.52 -6.61 5.49
C ASP A 41 -10.51 -6.33 4.36
N VAL A 42 -9.61 -7.30 4.09
CA VAL A 42 -8.49 -7.13 3.16
C VAL A 42 -8.78 -7.60 1.71
N ARG A 43 -8.70 -6.67 0.73
CA ARG A 43 -8.84 -6.93 -0.71
C ARG A 43 -7.42 -6.90 -1.31
N VAL A 44 -7.08 -7.86 -2.17
CA VAL A 44 -5.74 -7.98 -2.77
C VAL A 44 -5.84 -7.79 -4.32
N SER A 45 -4.87 -7.07 -4.93
CA SER A 45 -4.83 -6.75 -6.36
C SER A 45 -3.40 -6.57 -6.91
N GLU A 46 -3.24 -6.58 -8.25
CA GLU A 46 -1.99 -6.29 -8.96
C GLU A 46 -1.57 -4.82 -8.71
N THR A 47 -0.25 -4.54 -8.68
CA THR A 47 0.34 -3.21 -8.39
C THR A 47 -0.31 -2.11 -9.23
N ASP A 48 -0.45 -2.33 -10.54
CA ASP A 48 -1.01 -1.32 -11.45
C ASP A 48 -2.52 -1.02 -11.21
N ASP A 49 -3.26 -1.85 -10.43
CA ASP A 49 -4.68 -1.63 -10.12
C ASP A 49 -4.85 -0.42 -9.18
N PHE A 50 -3.75 0.00 -8.55
CA PHE A 50 -3.73 1.18 -7.68
C PHE A 50 -4.09 2.43 -8.51
N LEU A 51 -3.63 2.50 -9.78
CA LEU A 51 -3.84 3.62 -10.68
C LEU A 51 -5.32 3.88 -10.99
N LYS A 52 -6.17 2.87 -10.79
CA LYS A 52 -7.61 2.94 -11.06
C LYS A 52 -8.37 3.67 -9.97
N GLY A 53 -7.77 3.80 -8.79
CA GLY A 53 -8.42 4.44 -7.65
C GLY A 53 -9.38 3.48 -6.96
N PRO A 54 -10.08 3.93 -5.90
CA PRO A 54 -10.99 3.01 -5.19
C PRO A 54 -12.29 2.70 -5.97
N PRO A 55 -12.82 1.47 -5.91
CA PRO A 55 -14.11 1.20 -6.58
C PRO A 55 -15.26 1.90 -5.82
N ALA A 56 -16.34 2.28 -6.53
CA ALA A 56 -17.48 3.00 -5.94
C ALA A 56 -18.23 2.16 -4.88
N ASP A 57 -18.11 0.83 -4.95
CA ASP A 57 -18.74 -0.11 -4.03
C ASP A 57 -18.00 -0.24 -2.67
N THR A 58 -16.81 0.37 -2.55
CA THR A 58 -15.97 0.26 -1.35
C THR A 58 -15.87 1.55 -0.52
N ARG A 59 -15.22 1.44 0.65
CA ARG A 59 -14.90 2.52 1.59
C ARG A 59 -13.49 2.22 2.14
N PRO A 60 -12.40 2.59 1.41
CA PRO A 60 -11.04 2.22 1.89
C PRO A 60 -10.67 2.89 3.22
N GLY A 61 -9.94 2.13 4.02
CA GLY A 61 -9.42 2.56 5.30
C GLY A 61 -7.94 2.79 5.17
N ILE A 62 -7.22 1.82 4.60
CA ILE A 62 -5.76 1.81 4.41
C ILE A 62 -5.43 1.21 3.08
N VAL A 63 -4.41 1.75 2.43
CA VAL A 63 -3.84 1.20 1.20
C VAL A 63 -2.43 0.71 1.51
N ILE A 64 -2.07 -0.47 1.00
CA ILE A 64 -0.72 -1.01 1.11
C ILE A 64 -0.22 -1.15 -0.29
N LEU A 65 0.82 -0.40 -0.60
CA LEU A 65 1.32 -0.40 -1.96
C LEU A 65 2.73 -0.97 -2.00
N ASP A 66 2.86 -2.14 -2.65
CA ASP A 66 4.16 -2.78 -2.85
C ASP A 66 4.75 -2.25 -4.14
N LEU A 67 5.71 -1.35 -4.03
CA LEU A 67 6.40 -0.72 -5.15
C LEU A 67 7.52 -1.59 -5.74
N GLY A 68 8.02 -2.54 -4.93
CA GLY A 68 9.11 -3.43 -5.33
C GLY A 68 10.36 -2.64 -5.65
N GLY A 69 10.88 -2.83 -6.87
CA GLY A 69 12.01 -2.06 -7.38
C GLY A 69 11.69 -0.60 -7.69
N GLY A 70 10.41 -0.22 -7.57
CA GLY A 70 9.95 1.16 -7.80
C GLY A 70 9.54 1.50 -9.22
N ASP A 71 9.14 0.49 -10.00
CA ASP A 71 8.73 0.63 -11.40
C ASP A 71 7.51 1.58 -11.51
N LEU A 72 6.53 1.44 -10.59
CA LEU A 72 5.30 2.24 -10.56
C LEU A 72 5.58 3.74 -10.32
N LEU A 73 6.66 4.11 -9.63
CA LEU A 73 7.01 5.50 -9.33
C LEU A 73 7.45 6.28 -10.57
N GLY A 74 7.78 5.57 -11.64
CA GLY A 74 8.15 6.16 -12.92
C GLY A 74 6.97 6.33 -13.86
N LYS A 75 5.76 5.93 -13.43
CA LYS A 75 4.54 6.04 -14.23
C LYS A 75 4.07 7.50 -14.22
N PRO A 76 3.79 8.08 -15.42
CA PRO A 76 3.49 9.52 -15.52
C PRO A 76 2.48 10.16 -14.54
N GLY A 77 1.32 9.55 -14.31
CA GLY A 77 0.37 10.21 -13.40
C GLY A 77 0.22 9.61 -12.02
N ILE A 78 1.30 9.01 -11.47
CA ILE A 78 1.28 8.29 -10.20
C ILE A 78 0.86 9.14 -8.97
N VAL A 79 1.37 10.37 -8.82
CA VAL A 79 1.05 11.23 -7.67
C VAL A 79 -0.40 11.69 -7.76
N GLU A 80 -0.89 11.93 -8.99
CA GLU A 80 -2.28 12.33 -9.26
C GLU A 80 -3.19 11.15 -8.98
N ALA A 81 -2.77 9.91 -9.32
CA ALA A 81 -3.55 8.70 -9.06
C ALA A 81 -3.66 8.47 -7.54
N ARG A 82 -2.63 8.84 -6.75
CA ARG A 82 -2.70 8.71 -5.29
CA ARG A 82 -2.70 8.70 -5.30
C ARG A 82 -3.87 9.54 -4.78
N ALA A 83 -4.11 10.74 -5.36
CA ALA A 83 -5.21 11.64 -4.98
C ALA A 83 -6.58 11.02 -5.22
N LEU A 84 -6.69 9.96 -6.06
CA LEU A 84 -7.96 9.25 -6.29
C LEU A 84 -8.42 8.56 -4.99
N TRP A 85 -7.43 8.17 -4.17
CA TRP A 85 -7.60 7.50 -2.87
C TRP A 85 -7.81 8.51 -1.74
N ALA A 86 -7.87 9.81 -2.07
CA ALA A 86 -8.08 10.93 -1.16
C ALA A 86 -7.08 10.82 0.02
N THR A 87 -7.49 11.03 1.27
CA THR A 87 -6.49 11.00 2.33
C THR A 87 -6.45 9.69 3.13
N VAL A 88 -6.72 8.56 2.48
CA VAL A 88 -6.59 7.31 3.22
C VAL A 88 -5.07 7.10 3.49
N PRO A 89 -4.68 6.58 4.67
CA PRO A 89 -3.26 6.27 4.90
C PRO A 89 -2.73 5.31 3.85
N LEU A 90 -1.48 5.55 3.44
CA LEU A 90 -0.81 4.75 2.45
C LEU A 90 0.45 4.19 3.06
N ILE A 91 0.58 2.87 3.00
CA ILE A 91 1.79 2.21 3.54
C ILE A 91 2.56 1.78 2.32
N ALA A 92 3.78 2.33 2.18
CA ALA A 92 4.61 1.97 1.03
C ALA A 92 5.64 0.93 1.42
N VAL A 93 5.75 -0.11 0.58
CA VAL A 93 6.72 -1.18 0.73
C VAL A 93 7.55 -1.17 -0.53
N SER A 94 8.87 -1.11 -0.36
CA SER A 94 9.75 -1.13 -1.51
C SER A 94 11.07 -1.72 -1.14
N ASP A 95 11.88 -2.02 -2.17
CA ASP A 95 13.28 -2.37 -2.00
C ASP A 95 14.00 -1.01 -1.96
N GLU A 96 15.31 -0.94 -2.14
CA GLU A 96 15.99 0.36 -2.14
C GLU A 96 15.60 1.16 -3.37
N LEU A 97 15.46 2.47 -3.20
CA LEU A 97 15.10 3.41 -4.26
C LEU A 97 16.21 4.41 -4.52
N THR A 98 16.17 5.09 -5.71
CA THR A 98 17.07 6.19 -6.05
C THR A 98 16.48 7.45 -5.47
N SER A 99 17.26 8.54 -5.51
CA SER A 99 16.83 9.85 -5.03
C SER A 99 15.63 10.36 -5.79
N GLU A 100 15.62 10.14 -7.13
CA GLU A 100 14.54 10.54 -8.05
C GLU A 100 13.27 9.79 -7.70
N GLN A 101 13.40 8.52 -7.33
CA GLN A 101 12.26 7.71 -6.95
C GLN A 101 11.78 8.11 -5.56
N THR A 102 12.71 8.50 -4.65
CA THR A 102 12.38 8.90 -3.27
C THR A 102 11.57 10.20 -3.32
N ARG A 103 11.86 11.08 -4.28
CA ARG A 103 11.15 12.33 -4.55
C ARG A 103 9.68 12.09 -4.87
N VAL A 104 9.40 11.09 -5.74
CA VAL A 104 8.04 10.71 -6.14
C VAL A 104 7.35 10.13 -4.92
N LEU A 105 8.04 9.21 -4.19
CA LEU A 105 7.52 8.59 -2.98
C LEU A 105 7.15 9.67 -1.93
N VAL A 106 7.99 10.70 -1.77
CA VAL A 106 7.71 11.80 -0.85
C VAL A 106 6.40 12.48 -1.28
N ARG A 107 6.22 12.76 -2.59
CA ARG A 107 5.02 13.42 -3.10
C ARG A 107 3.79 12.55 -2.95
N MSE A 108 3.96 11.22 -2.91
CA MSE A 108 2.85 10.29 -2.72
C MSE A 108 2.35 10.26 -1.30
O MSE A 108 1.31 9.67 -1.04
CB MSE A 108 3.21 8.89 -3.22
CG MSE A 108 3.06 8.82 -4.73
SE MSE A 108 3.64 7.11 -5.17
CE MSE A 108 1.87 6.24 -4.93
N ASN A 109 3.03 10.93 -0.36
CA ASN A 109 2.52 11.15 0.98
C ASN A 109 2.07 9.83 1.68
N ALA A 110 3.02 8.89 1.78
CA ALA A 110 2.84 7.64 2.49
C ALA A 110 3.11 7.87 3.96
N SER A 111 2.37 7.20 4.85
CA SER A 111 2.59 7.38 6.29
C SER A 111 3.77 6.56 6.73
N ASP A 112 3.97 5.38 6.09
CA ASP A 112 5.08 4.51 6.43
C ASP A 112 5.83 4.03 5.19
N TRP A 113 7.15 3.94 5.29
CA TRP A 113 8.05 3.42 4.26
C TRP A 113 8.71 2.11 4.75
N LEU A 114 8.14 0.97 4.40
CA LEU A 114 8.68 -0.31 4.86
C LEU A 114 9.60 -0.90 3.81
N HIS A 115 10.70 -1.50 4.25
CA HIS A 115 11.75 -2.09 3.40
C HIS A 115 11.63 -3.61 3.44
N LYS A 116 11.63 -4.24 2.24
CA LYS A 116 11.54 -5.70 2.05
C LYS A 116 12.85 -6.43 2.40
N PRO A 117 12.81 -7.60 3.09
CA PRO A 117 11.63 -8.33 3.60
C PRO A 117 11.08 -7.68 4.87
N LEU A 118 9.77 -7.38 4.90
CA LEU A 118 9.23 -6.72 6.09
C LEU A 118 8.99 -7.74 7.19
N ASP A 119 9.30 -7.34 8.43
CA ASP A 119 9.05 -8.19 9.60
C ASP A 119 7.58 -8.02 10.00
N GLY A 120 7.06 -8.99 10.72
CA GLY A 120 5.67 -9.01 11.18
C GLY A 120 5.27 -7.77 11.95
N LYS A 121 6.04 -7.45 13.00
CA LYS A 121 5.85 -6.33 13.92
C LYS A 121 5.74 -4.97 13.19
N GLU A 122 6.64 -4.68 12.23
CA GLU A 122 6.72 -3.42 11.47
C GLU A 122 5.44 -3.13 10.69
N LEU A 123 4.83 -4.17 10.07
CA LEU A 123 3.59 -3.99 9.32
C LEU A 123 2.41 -3.77 10.27
N LEU A 124 2.31 -4.59 11.35
CA LEU A 124 1.22 -4.47 12.33
C LEU A 124 1.30 -3.15 13.07
N ASN A 125 2.51 -2.61 13.29
CA ASN A 125 2.68 -1.30 13.91
C ASN A 125 2.15 -0.19 13.00
N ALA A 126 2.44 -0.31 11.69
CA ALA A 126 2.01 0.66 10.68
C ALA A 126 0.49 0.65 10.51
N VAL A 127 -0.14 -0.52 10.43
CA VAL A 127 -1.59 -0.63 10.24
C VAL A 127 -2.38 -0.21 11.50
N THR A 128 -1.98 -0.69 12.70
CA THR A 128 -2.68 -0.42 13.96
C THR A 128 -2.55 1.02 14.41
N PHE A 129 -1.49 1.73 13.98
CA PHE A 129 -1.29 3.16 14.27
C PHE A 129 -2.46 4.00 13.75
N HIS A 130 -3.07 3.58 12.63
CA HIS A 130 -4.19 4.32 12.04
C HIS A 130 -5.55 3.85 12.58
N ASP A 131 -5.57 2.94 13.59
CA ASP A 131 -6.80 2.44 14.21
C ASP A 131 -7.13 3.24 15.46
S SO4 B . -17.31 -13.76 6.13
O1 SO4 B . -16.52 -14.35 7.22
O2 SO4 B . -18.57 -14.50 5.98
O3 SO4 B . -17.60 -12.36 6.44
O4 SO4 B . -16.53 -13.85 4.89
#